data_2CZ3
#
_entry.id   2CZ3
#
_cell.length_a   55.812
_cell.length_b   55.812
_cell.length_c   214.410
_cell.angle_alpha   90
_cell.angle_beta   90
_cell.angle_gamma   120
#
_symmetry.space_group_name_H-M   'P 31 2 1'
#
loop_
_entity.id
_entity.type
_entity.pdbx_description
1 polymer 'Maleylacetoacetate isomerase'
2 water water
#
_entity_poly.entity_id   1
_entity_poly.type   'polypeptide(L)'
_entity_poly.pdbx_seq_one_letter_code
;GSSGSSG(MSE)QAGKPILYSYFRSSCSWRVRIALALKGIDYEIVPINLIKDGGQQFTEEFQTLNP(MSE)KQVPALKID
GITIVQSLAI(MSE)EYLEETRPIPRLLPQDPQKRAIVR(MSE)ISDLIASGIQPLQNLSVLKQVGQENQ(MSE)QWAQK
VITSGFNALEKILQSTAGKYCVGDEVS(MSE)ADVCLVPQVANAERFKVDLSPYPTISHINKELLALEVFQVSHPRRQPD
TPAELRT
;
_entity_poly.pdbx_strand_id   A,B
#
# COMPACT_ATOMS: atom_id res chain seq x y z
N GLY A 11 -9.69 -18.66 -21.40
CA GLY A 11 -9.71 -19.96 -20.66
C GLY A 11 -8.84 -19.97 -19.39
N LYS A 12 -7.61 -19.48 -19.49
CA LYS A 12 -6.69 -19.46 -18.33
C LYS A 12 -6.12 -18.05 -18.04
N PRO A 13 -5.85 -17.75 -16.78
CA PRO A 13 -5.50 -16.37 -16.41
C PRO A 13 -4.32 -15.80 -17.20
N ILE A 14 -4.26 -14.47 -17.30
CA ILE A 14 -3.23 -13.78 -18.05
C ILE A 14 -2.57 -12.75 -17.14
N LEU A 15 -1.29 -12.92 -16.89
CA LEU A 15 -0.52 -11.89 -16.23
C LEU A 15 0.23 -11.08 -17.26
N TYR A 16 -0.09 -9.79 -17.33
CA TYR A 16 0.73 -8.83 -18.02
C TYR A 16 1.85 -8.50 -17.07
N SER A 17 3.09 -8.71 -17.52
CA SER A 17 4.26 -8.69 -16.64
C SER A 17 5.47 -8.04 -17.29
N TYR A 18 6.42 -7.64 -16.46
CA TYR A 18 7.74 -7.19 -16.92
C TYR A 18 8.83 -7.87 -16.07
N PHE A 19 9.84 -8.41 -16.74
CA PHE A 19 10.88 -9.20 -16.06
C PHE A 19 11.58 -8.45 -14.93
N ARG A 20 11.75 -7.14 -15.09
CA ARG A 20 12.44 -6.35 -14.08
C ARG A 20 11.52 -5.71 -13.01
N SER A 21 10.20 -5.69 -13.23
CA SER A 21 9.26 -5.12 -12.29
C SER A 21 9.19 -5.94 -11.00
N SER A 22 9.58 -5.35 -9.88
CA SER A 22 9.42 -6.05 -8.61
C SER A 22 7.94 -6.33 -8.32
N CYS A 23 7.04 -5.43 -8.73
CA CYS A 23 5.61 -5.62 -8.52
C CYS A 23 5.08 -6.85 -9.25
N SER A 24 5.53 -7.08 -10.48
CA SER A 24 5.18 -8.26 -11.23
C SER A 24 5.65 -9.54 -10.59
N TRP A 25 6.83 -9.52 -9.99
CA TRP A 25 7.38 -10.73 -9.37
C TRP A 25 6.52 -11.14 -8.17
N ARG A 26 6.12 -10.17 -7.37
CA ARG A 26 5.21 -10.43 -6.26
C ARG A 26 4.03 -11.30 -6.68
N VAL A 27 3.39 -10.91 -7.79
CA VAL A 27 2.20 -11.60 -8.28
C VAL A 27 2.56 -12.98 -8.83
N ARG A 28 3.72 -13.10 -9.46
CA ARG A 28 4.18 -14.39 -9.94
C ARG A 28 4.48 -15.30 -8.75
N ILE A 29 4.95 -14.78 -7.64
CA ILE A 29 5.20 -15.65 -6.50
C ILE A 29 3.85 -16.12 -5.97
N ALA A 30 2.90 -15.21 -5.89
CA ALA A 30 1.60 -15.51 -5.30
C ALA A 30 0.77 -16.44 -6.18
N LEU A 31 0.96 -16.37 -7.48
CA LEU A 31 0.24 -17.25 -8.40
C LEU A 31 0.80 -18.67 -8.24
N ALA A 32 2.11 -18.77 -8.28
CA ALA A 32 2.84 -20.04 -8.11
C ALA A 32 2.55 -20.71 -6.76
N LEU A 33 2.46 -19.88 -5.73
CA LEU A 33 2.21 -20.36 -4.38
C LEU A 33 0.84 -21.00 -4.26
N LYS A 34 -0.15 -20.34 -4.87
CA LYS A 34 -1.52 -20.86 -4.92
C LYS A 34 -1.72 -21.97 -5.96
N GLY A 35 -0.66 -22.45 -6.59
CA GLY A 35 -0.78 -23.47 -7.63
C GLY A 35 -1.57 -23.07 -8.87
N ILE A 36 -1.75 -21.77 -9.11
CA ILE A 36 -2.53 -21.34 -10.27
C ILE A 36 -1.66 -21.29 -11.52
N ASP A 37 -2.07 -22.01 -12.55
CA ASP A 37 -1.41 -21.92 -13.83
C ASP A 37 -1.89 -20.69 -14.57
N TYR A 38 -0.93 -19.93 -15.10
CA TYR A 38 -1.24 -18.72 -15.86
C TYR A 38 -0.38 -18.61 -17.12
N GLU A 39 -0.80 -17.69 -17.99
CA GLU A 39 -0.12 -17.37 -19.23
C GLU A 39 0.52 -16.02 -19.04
N ILE A 40 1.75 -15.85 -19.51
CA ILE A 40 2.45 -14.57 -19.38
C ILE A 40 2.46 -13.83 -20.70
N VAL A 41 1.94 -12.60 -20.69
CA VAL A 41 2.09 -11.68 -21.81
C VAL A 41 3.03 -10.55 -21.36
N PRO A 42 4.26 -10.53 -21.86
CA PRO A 42 5.27 -9.56 -21.40
C PRO A 42 5.06 -8.16 -22.03
N ILE A 43 5.54 -7.11 -21.35
CA ILE A 43 5.42 -5.74 -21.86
C ILE A 43 6.75 -4.97 -21.70
N GLN A 65 0.23 -0.29 -17.24
CA GLN A 65 0.42 -0.59 -15.83
C GLN A 65 0.62 -2.09 -15.65
N VAL A 66 1.76 -2.47 -15.08
CA VAL A 66 2.03 -3.87 -14.72
C VAL A 66 2.43 -3.94 -13.24
N PRO A 67 2.03 -5.01 -12.54
CA PRO A 67 1.24 -6.11 -13.11
C PRO A 67 -0.25 -5.81 -13.36
N ALA A 68 -0.81 -6.49 -14.36
CA ALA A 68 -2.25 -6.60 -14.55
C ALA A 68 -2.58 -8.07 -14.69
N LEU A 69 -3.72 -8.48 -14.15
CA LEU A 69 -4.09 -9.89 -14.12
C LEU A 69 -5.53 -10.07 -14.55
N LYS A 70 -5.74 -10.87 -15.59
CA LYS A 70 -7.06 -11.20 -16.05
C LYS A 70 -7.43 -12.56 -15.44
N ILE A 71 -8.46 -12.55 -14.60
CA ILE A 71 -8.85 -13.75 -13.88
C ILE A 71 -10.31 -13.70 -13.48
N ASP A 72 -11.01 -14.83 -13.63
CA ASP A 72 -12.44 -14.94 -13.34
C ASP A 72 -13.28 -13.88 -14.07
N GLY A 73 -12.88 -13.62 -15.31
CA GLY A 73 -13.56 -12.65 -16.15
C GLY A 73 -13.38 -11.17 -15.83
N ILE A 74 -12.45 -10.83 -14.95
CA ILE A 74 -12.20 -9.42 -14.63
C ILE A 74 -10.74 -9.08 -14.70
N THR A 75 -10.43 -7.79 -14.63
CA THR A 75 -9.07 -7.29 -14.73
C THR A 75 -8.70 -6.58 -13.45
N ILE A 76 -7.55 -6.96 -12.87
CA ILE A 76 -7.10 -6.44 -11.59
C ILE A 76 -5.70 -5.85 -11.73
N VAL A 77 -5.56 -4.57 -11.44
CA VAL A 77 -4.25 -3.92 -11.38
C VAL A 77 -3.91 -3.75 -9.91
N GLN A 78 -2.64 -3.43 -9.63
CA GLN A 78 -2.12 -3.24 -8.27
C GLN A 78 -1.87 -4.57 -7.60
N SER A 79 -0.61 -4.94 -7.41
CA SER A 79 -0.24 -6.22 -6.78
C SER A 79 -0.81 -6.50 -5.38
N LEU A 80 -1.05 -5.47 -4.60
CA LEU A 80 -1.66 -5.71 -3.29
C LEU A 80 -3.10 -6.20 -3.46
N ALA A 81 -3.85 -5.50 -4.31
CA ALA A 81 -5.22 -5.86 -4.65
C ALA A 81 -5.29 -7.26 -5.25
N ILE A 82 -4.40 -7.54 -6.18
CA ILE A 82 -4.34 -8.84 -6.83
C ILE A 82 -4.15 -9.93 -5.80
N MSE A 83 -3.20 -9.73 -4.92
CA MSE A 83 -2.82 -10.75 -3.95
C MSE A 83 -3.92 -10.99 -2.92
O MSE A 83 -4.12 -12.10 -2.50
CB MSE A 83 -1.50 -10.36 -3.28
CG MSE A 83 -0.23 -10.59 -4.14
SE MSE A 83 1.43 -10.12 -3.15
CE MSE A 83 1.16 -11.39 -1.67
N GLU A 84 -4.64 -9.93 -2.54
CA GLU A 84 -5.78 -10.07 -1.64
C GLU A 84 -6.95 -10.82 -2.32
N TYR A 85 -7.09 -10.65 -3.62
CA TYR A 85 -8.11 -11.37 -4.36
C TYR A 85 -7.75 -12.83 -4.40
N LEU A 86 -6.51 -13.13 -4.76
CA LEU A 86 -6.00 -14.49 -4.76
C LEU A 86 -6.17 -15.15 -3.39
N GLU A 87 -5.81 -14.46 -2.32
CA GLU A 87 -5.96 -14.99 -0.96
C GLU A 87 -7.39 -15.40 -0.67
N GLU A 88 -8.35 -14.57 -1.09
CA GLU A 88 -9.78 -14.79 -0.81
C GLU A 88 -10.42 -15.86 -1.67
N THR A 89 -9.95 -16.01 -2.89
CA THR A 89 -10.57 -16.94 -3.83
C THR A 89 -9.85 -18.28 -3.87
N ARG A 90 -8.55 -18.27 -3.51
CA ARG A 90 -7.69 -19.47 -3.36
C ARG A 90 -7.00 -19.42 -1.99
N PRO A 91 -7.71 -19.85 -0.96
CA PRO A 91 -7.29 -19.62 0.43
C PRO A 91 -5.92 -20.16 0.82
N ILE A 92 -5.59 -21.37 0.37
CA ILE A 92 -4.37 -22.07 0.75
C ILE A 92 -3.41 -22.07 -0.42
N PRO A 93 -2.11 -21.90 -0.20
CA PRO A 93 -1.53 -21.59 1.11
C PRO A 93 -1.84 -20.15 1.50
N ARG A 94 -1.88 -19.91 2.80
CA ARG A 94 -2.27 -18.62 3.33
C ARG A 94 -1.15 -17.63 3.16
N LEU A 95 -1.47 -16.51 2.52
CA LEU A 95 -0.65 -15.32 2.49
C LEU A 95 -0.86 -14.54 3.78
N LEU A 96 -2.07 -14.64 4.33
CA LEU A 96 -2.42 -13.97 5.57
C LEU A 96 -2.83 -14.99 6.62
N PRO A 97 -2.24 -14.95 7.82
CA PRO A 97 -2.68 -15.82 8.92
C PRO A 97 -4.13 -15.56 9.34
N GLN A 98 -4.64 -16.32 10.30
CA GLN A 98 -6.05 -16.25 10.71
C GLN A 98 -6.34 -15.20 11.79
N ASP A 99 -5.40 -15.01 12.70
CA ASP A 99 -5.53 -14.03 13.77
C ASP A 99 -5.40 -12.60 13.17
N PRO A 100 -6.46 -11.80 13.27
CA PRO A 100 -6.47 -10.43 12.72
C PRO A 100 -5.25 -9.58 13.06
N GLN A 101 -4.74 -9.75 14.27
CA GLN A 101 -3.60 -8.99 14.76
C GLN A 101 -2.32 -9.35 14.07
N LYS A 102 -2.15 -10.65 13.83
CA LYS A 102 -1.08 -11.15 12.99
C LYS A 102 -1.21 -10.68 11.55
N ARG A 103 -2.43 -10.69 11.01
CA ARG A 103 -2.71 -10.19 9.67
C ARG A 103 -2.30 -8.73 9.53
N ALA A 104 -2.49 -7.93 10.57
CA ALA A 104 -2.13 -6.52 10.52
C ALA A 104 -0.61 -6.35 10.43
N ILE A 105 0.17 -7.18 11.13
CA ILE A 105 1.64 -7.07 11.06
C ILE A 105 2.15 -7.49 9.67
N VAL A 106 1.53 -8.50 9.08
CA VAL A 106 1.93 -8.99 7.77
C VAL A 106 1.62 -7.92 6.73
N ARG A 107 0.46 -7.29 6.89
CA ARG A 107 0.02 -6.18 6.04
C ARG A 107 0.85 -4.91 6.22
N MSE A 108 1.24 -4.61 7.44
CA MSE A 108 2.14 -3.47 7.71
C MSE A 108 3.40 -3.57 6.89
O MSE A 108 3.76 -2.61 6.21
CB MSE A 108 2.59 -3.49 9.14
CG MSE A 108 1.71 -2.76 10.06
SE MSE A 108 2.18 -3.25 11.86
CE MSE A 108 3.91 -2.49 12.04
N ILE A 109 4.06 -4.72 6.99
CA ILE A 109 5.37 -4.93 6.37
C ILE A 109 5.22 -4.86 4.88
N SER A 110 4.21 -5.55 4.36
CA SER A 110 3.90 -5.58 2.94
C SER A 110 3.69 -4.20 2.34
N ASP A 111 2.89 -3.40 3.03
CA ASP A 111 2.55 -2.06 2.63
C ASP A 111 3.71 -1.11 2.79
N LEU A 112 4.53 -1.32 3.81
CA LEU A 112 5.80 -0.60 3.98
C LEU A 112 6.67 -0.77 2.74
N ILE A 113 6.74 -1.98 2.23
CA ILE A 113 7.47 -2.24 1.01
C ILE A 113 6.75 -1.62 -0.18
N ALA A 114 5.49 -2.02 -0.39
CA ALA A 114 4.74 -1.65 -1.60
C ALA A 114 4.34 -0.18 -1.69
N SER A 115 4.12 0.47 -0.56
CA SER A 115 3.68 1.86 -0.56
C SER A 115 4.79 2.82 -0.13
N GLY A 116 5.81 2.31 0.54
CA GLY A 116 6.82 3.14 1.19
C GLY A 116 8.18 3.10 0.50
N ILE A 117 8.69 1.92 0.22
CA ILE A 117 10.01 1.83 -0.39
C ILE A 117 9.94 1.86 -1.91
N GLN A 118 9.15 0.96 -2.47
CA GLN A 118 9.18 0.69 -3.88
C GLN A 118 8.72 1.85 -4.79
N PRO A 119 7.64 2.55 -4.43
CA PRO A 119 7.18 3.71 -5.23
C PRO A 119 8.19 4.83 -5.29
N LEU A 120 8.99 4.98 -4.23
CA LEU A 120 10.01 6.02 -4.19
C LEU A 120 11.27 5.66 -4.98
N GLN A 121 11.25 4.49 -5.63
CA GLN A 121 12.25 4.08 -6.62
C GLN A 121 11.61 3.44 -7.89
N ASN A 122 10.40 3.88 -8.25
CA ASN A 122 9.73 3.47 -9.50
C ASN A 122 10.49 4.00 -10.74
N LEU A 123 10.33 3.33 -11.89
CA LEU A 123 11.01 3.71 -13.15
C LEU A 123 10.67 5.15 -13.61
N SER A 124 9.48 5.62 -13.24
CA SER A 124 9.05 6.99 -13.48
C SER A 124 9.96 8.00 -12.79
N VAL A 125 10.26 7.73 -11.53
CA VAL A 125 11.07 8.63 -10.69
C VAL A 125 12.53 8.63 -11.12
N LEU A 126 13.03 7.45 -11.45
CA LEU A 126 14.45 7.25 -11.63
C LEU A 126 15.00 7.89 -12.92
N LYS A 127 14.32 7.63 -14.03
CA LYS A 127 14.76 8.13 -15.34
C LYS A 127 14.48 9.64 -15.50
N GLN A 128 13.57 10.15 -14.66
CA GLN A 128 13.24 11.58 -14.63
C GLN A 128 14.07 12.39 -13.62
N VAL A 129 15.23 11.87 -13.22
CA VAL A 129 16.21 12.58 -12.35
C VAL A 129 17.67 12.08 -12.59
N GLY A 130 18.15 12.16 -13.84
CA GLY A 130 19.53 11.79 -14.16
C GLY A 130 19.74 10.30 -14.38
N GLN A 131 20.98 9.90 -14.69
CA GLN A 131 21.35 8.48 -14.91
C GLN A 131 22.54 8.05 -14.01
N GLU A 132 22.56 8.57 -12.79
CA GLU A 132 23.65 8.36 -11.81
C GLU A 132 23.21 8.85 -10.41
N ASN A 133 22.46 9.96 -10.38
CA ASN A 133 21.67 10.34 -9.24
C ASN A 133 20.65 9.29 -8.92
N GLN A 134 20.12 8.63 -9.95
CA GLN A 134 19.09 7.60 -9.79
C GLN A 134 19.50 6.53 -8.79
N MSE A 135 20.81 6.26 -8.72
CA MSE A 135 21.35 5.21 -7.86
C MSE A 135 21.52 5.71 -6.43
O MSE A 135 21.31 4.95 -5.48
CB MSE A 135 22.69 4.77 -8.43
CG MSE A 135 23.24 3.49 -7.86
SE MSE A 135 24.42 2.66 -9.21
CE MSE A 135 22.92 1.95 -10.40
N GLN A 136 21.94 6.97 -6.29
CA GLN A 136 22.13 7.60 -4.99
C GLN A 136 20.82 7.67 -4.20
N TRP A 137 19.82 8.28 -4.83
CA TRP A 137 18.46 8.40 -4.31
C TRP A 137 17.82 7.05 -4.02
N ALA A 138 18.02 6.10 -4.93
CA ALA A 138 17.52 4.73 -4.73
C ALA A 138 18.12 4.08 -3.47
N GLN A 139 19.39 4.35 -3.23
CA GLN A 139 20.09 3.78 -2.10
C GLN A 139 19.65 4.41 -0.79
N LYS A 140 19.40 5.72 -0.75
CA LYS A 140 18.92 6.39 0.48
C LYS A 140 17.52 5.86 0.85
N VAL A 141 16.65 5.74 -0.15
CA VAL A 141 15.32 5.18 0.02
C VAL A 141 15.35 3.72 0.51
N ILE A 142 16.13 2.85 -0.14
CA ILE A 142 16.14 1.44 0.26
C ILE A 142 16.79 1.22 1.63
N THR A 143 17.85 1.97 1.91
CA THR A 143 18.51 1.86 3.20
C THR A 143 17.59 2.33 4.33
N SER A 144 16.91 3.47 4.13
CA SER A 144 15.96 4.04 5.10
C SER A 144 14.84 3.09 5.44
N GLY A 145 14.20 2.50 4.42
CA GLY A 145 13.19 1.49 4.63
C GLY A 145 13.73 0.23 5.33
N PHE A 146 14.91 -0.22 4.91
CA PHE A 146 15.52 -1.45 5.44
C PHE A 146 16.00 -1.26 6.88
N ASN A 147 16.31 -0.02 7.23
CA ASN A 147 16.62 0.36 8.59
C ASN A 147 15.39 0.19 9.45
N ALA A 148 14.23 0.57 8.91
CA ALA A 148 12.98 0.41 9.61
C ALA A 148 12.55 -1.07 9.69
N LEU A 149 12.60 -1.74 8.55
CA LEU A 149 12.06 -3.09 8.38
C LEU A 149 12.86 -4.12 9.18
N GLU A 150 14.17 -3.97 9.16
CA GLU A 150 15.08 -4.82 9.93
C GLU A 150 14.75 -4.74 11.42
N LYS A 151 14.37 -3.56 11.91
CA LYS A 151 14.04 -3.39 13.33
C LYS A 151 12.70 -4.04 13.68
N ILE A 152 11.75 -3.91 12.79
CA ILE A 152 10.44 -4.53 12.93
C ILE A 152 10.58 -6.04 12.97
N LEU A 153 11.44 -6.57 12.11
CA LEU A 153 11.64 -8.02 11.99
C LEU A 153 12.34 -8.61 13.23
N GLN A 154 13.06 -7.79 13.98
CA GLN A 154 13.61 -8.26 15.26
C GLN A 154 12.50 -8.74 16.18
N SER A 155 11.30 -8.15 16.04
CA SER A 155 10.14 -8.54 16.87
C SER A 155 9.28 -9.62 16.23
N THR A 156 9.14 -9.60 14.91
CA THR A 156 8.12 -10.39 14.23
C THR A 156 8.61 -11.70 13.65
N ALA A 157 9.87 -11.74 13.24
CA ALA A 157 10.36 -12.83 12.43
C ALA A 157 10.66 -14.07 13.23
N GLY A 158 10.25 -15.22 12.71
CA GLY A 158 10.78 -16.50 13.10
C GLY A 158 11.71 -16.87 11.95
N LYS A 159 11.32 -17.88 11.18
CA LYS A 159 12.05 -18.32 10.00
C LYS A 159 11.73 -17.42 8.78
N TYR A 160 10.57 -16.76 8.84
CA TYR A 160 10.11 -15.84 7.79
C TYR A 160 9.73 -14.50 8.44
N CYS A 161 9.18 -13.57 7.68
CA CYS A 161 8.96 -12.19 8.16
C CYS A 161 8.13 -12.15 9.43
N VAL A 162 7.08 -12.96 9.48
CA VAL A 162 6.20 -13.05 10.64
C VAL A 162 6.00 -14.51 11.02
N GLY A 163 6.79 -14.99 11.97
CA GLY A 163 6.70 -16.36 12.45
C GLY A 163 7.22 -17.32 11.42
N ASP A 164 6.78 -18.56 11.47
CA ASP A 164 7.41 -19.64 10.73
C ASP A 164 6.71 -19.99 9.42
N GLU A 165 5.67 -19.24 9.09
CA GLU A 165 4.88 -19.52 7.89
C GLU A 165 5.09 -18.38 6.92
N VAL A 166 5.32 -18.74 5.65
CA VAL A 166 5.41 -17.77 4.56
C VAL A 166 4.17 -16.91 4.55
N SER A 167 4.33 -15.63 4.26
CA SER A 167 3.20 -14.69 4.17
C SER A 167 3.35 -13.72 3.00
N MSE A 168 2.37 -12.83 2.86
CA MSE A 168 2.43 -11.70 1.92
C MSE A 168 3.67 -10.81 2.13
O MSE A 168 4.18 -10.24 1.15
CB MSE A 168 1.18 -10.86 2.08
CG MSE A 168 1.11 -9.64 1.20
SE MSE A 168 -0.73 -9.09 0.92
CE MSE A 168 -0.69 -7.33 1.62
N ALA A 169 4.15 -10.71 3.37
CA ALA A 169 5.34 -9.94 3.69
C ALA A 169 6.57 -10.50 2.98
N ASP A 170 6.71 -11.81 2.97
CA ASP A 170 7.78 -12.50 2.25
C ASP A 170 7.68 -12.33 0.75
N VAL A 171 6.48 -12.27 0.25
CA VAL A 171 6.25 -12.13 -1.19
C VAL A 171 6.74 -10.76 -1.64
N CYS A 172 6.56 -9.77 -0.76
CA CYS A 172 6.98 -8.38 -0.97
C CYS A 172 8.49 -8.18 -0.72
N LEU A 173 9.05 -8.98 0.19
CA LEU A 173 10.39 -8.75 0.62
C LEU A 173 11.38 -9.13 -0.47
N VAL A 174 11.27 -10.36 -0.96
CA VAL A 174 12.28 -10.90 -1.84
C VAL A 174 12.51 -9.97 -3.05
N PRO A 175 11.46 -9.55 -3.75
CA PRO A 175 11.65 -8.65 -4.90
C PRO A 175 12.25 -7.29 -4.56
N GLN A 176 12.04 -6.79 -3.34
CA GLN A 176 12.66 -5.59 -2.87
C GLN A 176 14.13 -5.79 -2.58
N VAL A 177 14.48 -6.89 -1.93
CA VAL A 177 15.86 -7.26 -1.67
C VAL A 177 16.66 -7.47 -2.98
N ALA A 178 15.99 -7.94 -4.02
CA ALA A 178 16.60 -8.08 -5.34
C ALA A 178 16.88 -6.72 -5.98
N ASN A 179 15.98 -5.75 -5.76
CA ASN A 179 16.26 -4.36 -6.15
C ASN A 179 17.50 -3.83 -5.45
N ALA A 180 17.59 -4.05 -4.14
CA ALA A 180 18.72 -3.58 -3.33
C ALA A 180 20.07 -4.09 -3.88
N GLU A 181 20.12 -5.37 -4.20
CA GLU A 181 21.29 -5.96 -4.83
C GLU A 181 21.62 -5.29 -6.17
N ARG A 182 20.58 -4.95 -6.90
CA ARG A 182 20.71 -4.33 -8.22
C ARG A 182 21.29 -2.93 -8.11
N PHE A 183 20.89 -2.18 -7.08
CA PHE A 183 21.43 -0.84 -6.83
C PHE A 183 22.62 -0.89 -5.86
N LYS A 184 23.16 -2.09 -5.67
CA LYS A 184 24.43 -2.30 -4.97
C LYS A 184 24.36 -1.88 -3.50
N VAL A 185 23.20 -2.10 -2.90
CA VAL A 185 23.01 -1.93 -1.46
C VAL A 185 23.68 -3.10 -0.76
N ASP A 186 24.46 -2.80 0.25
CA ASP A 186 25.16 -3.82 0.98
C ASP A 186 24.18 -4.29 2.07
N LEU A 187 24.03 -5.61 2.17
CA LEU A 187 23.00 -6.23 3.00
C LEU A 187 23.54 -6.66 4.35
N SER A 188 24.83 -6.39 4.58
CA SER A 188 25.51 -6.76 5.82
C SER A 188 24.94 -6.11 7.06
N PRO A 189 24.36 -4.89 6.97
CA PRO A 189 23.69 -4.27 8.13
C PRO A 189 22.26 -4.79 8.38
N TYR A 190 21.80 -5.69 7.51
CA TYR A 190 20.44 -6.20 7.57
C TYR A 190 20.44 -7.73 7.60
N PRO A 191 20.94 -8.31 8.69
CA PRO A 191 21.15 -9.77 8.75
C PRO A 191 19.85 -10.58 8.84
N THR A 192 18.82 -10.04 9.47
CA THR A 192 17.50 -10.68 9.50
C THR A 192 16.83 -10.67 8.13
N ILE A 193 16.90 -9.53 7.44
CA ILE A 193 16.32 -9.42 6.09
C ILE A 193 17.03 -10.37 5.16
N SER A 194 18.34 -10.47 5.29
CA SER A 194 19.14 -11.35 4.44
C SER A 194 18.94 -12.84 4.69
N HIS A 195 18.66 -13.22 5.94
CA HIS A 195 18.47 -14.61 6.31
C HIS A 195 17.12 -15.08 5.80
N ILE A 196 16.08 -14.28 6.09
CA ILE A 196 14.73 -14.57 5.59
C ILE A 196 14.75 -14.61 4.06
N ASN A 197 15.45 -13.67 3.45
CA ASN A 197 15.52 -13.61 2.01
C ASN A 197 16.07 -14.88 1.42
N LYS A 198 17.14 -15.41 2.00
CA LYS A 198 17.76 -16.66 1.51
C LYS A 198 16.96 -17.91 1.84
N GLU A 199 16.18 -17.88 2.93
CA GLU A 199 15.23 -18.97 3.24
C GLU A 199 14.17 -19.06 2.15
N LEU A 200 13.72 -17.89 1.69
CA LEU A 200 12.63 -17.80 0.74
C LEU A 200 13.09 -18.19 -0.66
N LEU A 201 14.28 -17.73 -1.04
CA LEU A 201 14.83 -18.00 -2.38
C LEU A 201 15.14 -19.46 -2.58
N ALA A 202 15.19 -20.22 -1.49
CA ALA A 202 15.38 -21.67 -1.53
C ALA A 202 14.11 -22.41 -1.93
N LEU A 203 12.96 -21.75 -1.87
CA LEU A 203 11.67 -22.39 -2.21
C LEU A 203 11.40 -22.32 -3.71
N GLU A 204 10.87 -23.41 -4.25
CA GLU A 204 10.47 -23.47 -5.65
C GLU A 204 9.61 -22.27 -6.11
N VAL A 205 8.65 -21.82 -5.30
CA VAL A 205 7.74 -20.76 -5.75
C VAL A 205 8.47 -19.42 -5.98
N PHE A 206 9.61 -19.23 -5.32
CA PHE A 206 10.44 -18.03 -5.51
C PHE A 206 11.47 -18.16 -6.63
N GLN A 207 11.69 -19.38 -7.08
CA GLN A 207 12.61 -19.66 -8.19
C GLN A 207 11.93 -19.70 -9.55
N VAL A 208 10.79 -20.37 -9.64
CA VAL A 208 10.09 -20.53 -10.91
C VAL A 208 9.52 -19.19 -11.40
N SER A 209 9.40 -18.25 -10.48
CA SER A 209 8.84 -16.94 -10.74
C SER A 209 9.95 -15.88 -10.89
N HIS A 210 11.20 -16.33 -10.95
CA HIS A 210 12.35 -15.45 -10.91
C HIS A 210 12.43 -14.56 -12.16
N PRO A 211 12.75 -13.29 -11.97
CA PRO A 211 13.05 -12.35 -13.06
C PRO A 211 13.97 -12.89 -14.16
N ARG A 212 14.83 -13.83 -13.80
CA ARG A 212 15.81 -14.41 -14.71
C ARG A 212 15.33 -15.71 -15.37
N ARG A 213 14.09 -16.12 -15.10
CA ARG A 213 13.48 -17.28 -15.72
C ARG A 213 12.13 -16.93 -16.39
N GLN A 214 12.08 -15.76 -17.04
CA GLN A 214 10.88 -15.21 -17.68
C GLN A 214 10.99 -15.25 -19.19
N PRO A 215 9.86 -15.21 -19.89
CA PRO A 215 9.87 -15.15 -21.35
C PRO A 215 10.63 -13.93 -21.88
N ASP A 216 10.46 -12.79 -21.21
CA ASP A 216 11.09 -11.52 -21.63
C ASP A 216 12.44 -11.25 -20.95
N THR A 217 13.00 -12.27 -20.31
CA THR A 217 14.34 -12.16 -19.72
C THR A 217 15.39 -12.11 -20.83
N PRO A 218 16.22 -11.06 -20.84
CA PRO A 218 17.37 -10.99 -21.76
C PRO A 218 18.31 -12.17 -21.59
N ALA A 219 18.71 -12.75 -22.71
CA ALA A 219 19.42 -14.03 -22.73
C ALA A 219 20.74 -13.99 -21.93
N GLU A 220 21.39 -12.83 -21.91
CA GLU A 220 22.60 -12.64 -21.10
C GLU A 220 22.31 -12.11 -19.67
N LEU A 221 21.21 -12.57 -19.05
CA LEU A 221 20.95 -12.38 -17.61
C LEU A 221 20.52 -13.70 -16.90
N ARG A 222 20.66 -14.85 -17.57
CA ARG A 222 20.29 -16.15 -17.00
C ARG A 222 21.52 -16.96 -16.54
N GLY B 11 -10.01 0.80 28.05
CA GLY B 11 -9.24 1.98 27.55
C GLY B 11 -9.41 2.12 26.05
N LYS B 12 -9.46 3.35 25.55
CA LYS B 12 -9.78 3.60 24.15
C LYS B 12 -8.52 3.44 23.29
N PRO B 13 -8.69 3.20 21.98
CA PRO B 13 -7.54 3.21 21.06
C PRO B 13 -6.89 4.60 20.98
N ILE B 14 -5.57 4.62 20.75
CA ILE B 14 -4.77 5.84 20.55
C ILE B 14 -4.31 5.96 19.06
N LEU B 15 -4.68 7.04 18.35
CA LEU B 15 -4.15 7.35 17.02
C LEU B 15 -3.11 8.45 17.12
N TYR B 16 -1.90 8.16 16.67
CA TYR B 16 -0.88 9.18 16.44
C TYR B 16 -1.12 9.71 15.03
N SER B 17 -1.23 11.02 14.92
CA SER B 17 -1.79 11.67 13.74
C SER B 17 -1.04 12.93 13.40
N TYR B 18 -1.19 13.38 12.17
CA TYR B 18 -0.78 14.72 11.75
C TYR B 18 -1.92 15.35 10.94
N PHE B 19 -2.25 16.61 11.23
CA PHE B 19 -3.41 17.23 10.63
C PHE B 19 -3.36 17.29 9.09
N ARG B 20 -2.15 17.40 8.53
CA ARG B 20 -1.97 17.52 7.06
C ARG B 20 -1.69 16.18 6.35
N SER B 21 -1.38 15.13 7.12
CA SER B 21 -1.12 13.81 6.53
C SER B 21 -2.41 13.21 6.01
N SER B 22 -2.49 13.03 4.70
CA SER B 22 -3.67 12.45 4.09
C SER B 22 -3.84 10.99 4.57
N CYS B 23 -2.75 10.33 4.90
CA CYS B 23 -2.83 8.99 5.45
C CYS B 23 -3.54 8.98 6.80
N SER B 24 -3.20 9.94 7.66
CA SER B 24 -3.86 10.03 8.96
C SER B 24 -5.37 10.29 8.82
N TRP B 25 -5.76 11.07 7.81
CA TRP B 25 -7.16 11.39 7.59
C TRP B 25 -7.94 10.13 7.25
N ARG B 26 -7.38 9.29 6.38
CA ARG B 26 -8.00 8.03 6.01
C ARG B 26 -8.42 7.24 7.25
N VAL B 27 -7.51 7.13 8.20
CA VAL B 27 -7.76 6.33 9.38
C VAL B 27 -8.79 7.05 10.27
N ARG B 28 -8.79 8.37 10.30
CA ARG B 28 -9.78 9.08 11.07
C ARG B 28 -11.16 8.85 10.47
N ILE B 29 -11.25 8.75 9.14
CA ILE B 29 -12.55 8.56 8.52
C ILE B 29 -13.04 7.20 8.92
N ALA B 30 -12.16 6.20 8.82
CA ALA B 30 -12.59 4.83 9.06
C ALA B 30 -12.93 4.59 10.53
N LEU B 31 -12.23 5.27 11.43
CA LEU B 31 -12.49 5.12 12.85
C LEU B 31 -13.87 5.69 13.13
N ALA B 32 -14.11 6.88 12.59
CA ALA B 32 -15.40 7.57 12.75
C ALA B 32 -16.54 6.80 12.10
N LEU B 33 -16.26 6.15 10.97
CA LEU B 33 -17.29 5.42 10.23
C LEU B 33 -17.79 4.24 11.05
N LYS B 34 -16.85 3.50 11.63
CA LYS B 34 -17.15 2.32 12.44
C LYS B 34 -17.57 2.67 13.90
N GLY B 35 -17.84 3.96 14.16
CA GLY B 35 -18.24 4.43 15.47
C GLY B 35 -17.24 4.21 16.59
N ILE B 36 -15.95 4.10 16.27
CA ILE B 36 -14.95 3.83 17.29
C ILE B 36 -14.45 5.15 17.91
N ASP B 37 -14.62 5.27 19.22
CA ASP B 37 -14.10 6.42 19.95
C ASP B 37 -12.61 6.22 20.16
N TYR B 38 -11.81 7.25 19.89
CA TYR B 38 -10.37 7.18 20.09
C TYR B 38 -9.79 8.49 20.63
N GLU B 39 -8.53 8.44 21.04
CA GLU B 39 -7.81 9.58 21.59
C GLU B 39 -6.74 9.92 20.58
N ILE B 40 -6.60 11.21 20.25
CA ILE B 40 -5.63 11.64 19.25
C ILE B 40 -4.39 12.16 19.98
N VAL B 41 -3.23 11.65 19.58
CA VAL B 41 -1.93 12.22 19.95
C VAL B 41 -1.26 12.75 18.69
N PRO B 42 -1.37 14.06 18.44
CA PRO B 42 -0.66 14.68 17.31
C PRO B 42 0.86 14.69 17.44
N ILE B 43 1.50 14.83 16.28
CA ILE B 43 2.92 14.53 16.09
C ILE B 43 3.64 15.68 15.40
N ASN B 44 4.94 15.82 15.64
CA ASN B 44 5.81 16.69 14.84
C ASN B 44 5.81 16.30 13.33
N GLY B 50 8.80 13.88 25.38
CA GLY B 50 9.62 13.07 26.26
C GLY B 50 9.76 11.64 25.76
N GLN B 51 10.49 10.80 26.49
CA GLN B 51 10.75 9.42 26.05
C GLN B 51 9.64 8.41 26.40
N GLN B 52 8.70 8.79 27.27
CA GLN B 52 7.53 7.95 27.54
C GLN B 52 6.77 7.80 26.23
N PHE B 53 6.41 8.95 25.67
CA PHE B 53 5.56 9.01 24.47
C PHE B 53 6.32 8.63 23.19
N THR B 54 7.64 8.82 23.20
CA THR B 54 8.49 8.52 22.04
C THR B 54 8.70 7.01 21.88
N GLU B 55 8.91 6.31 22.99
CA GLU B 55 9.05 4.85 23.02
C GLU B 55 7.82 4.20 22.39
N GLU B 56 6.64 4.54 22.89
CA GLU B 56 5.34 4.01 22.42
C GLU B 56 5.11 4.31 20.93
N PHE B 57 5.35 5.56 20.56
CA PHE B 57 5.17 5.99 19.18
C PHE B 57 5.99 5.09 18.25
N GLN B 58 7.25 4.91 18.64
CA GLN B 58 8.24 4.20 17.84
C GLN B 58 8.28 2.69 18.04
N THR B 59 7.41 2.10 18.87
CA THR B 59 7.36 0.63 18.94
C THR B 59 6.68 0.16 17.68
N LEU B 60 7.33 -0.78 17.01
CA LEU B 60 6.90 -1.27 15.70
C LEU B 60 6.72 -0.13 14.70
N ASN B 61 7.46 0.96 14.93
CA ASN B 61 7.44 2.11 14.06
C ASN B 61 8.76 2.91 14.18
N PRO B 62 9.87 2.26 13.86
CA PRO B 62 11.17 2.92 13.92
C PRO B 62 11.31 4.10 12.94
N MSE B 63 10.36 4.23 12.01
CA MSE B 63 10.38 5.30 11.01
C MSE B 63 9.62 6.61 11.42
O MSE B 63 9.47 7.49 10.58
CB MSE B 63 9.84 4.77 9.66
CG MSE B 63 8.50 4.03 9.75
SE MSE B 63 8.63 2.25 10.07
CE MSE B 63 8.96 1.79 8.50
N LYS B 64 9.18 6.70 12.67
CA LYS B 64 8.48 7.89 13.21
C LYS B 64 7.29 8.27 12.31
N GLN B 65 6.55 7.23 11.93
CA GLN B 65 5.53 7.30 10.90
C GLN B 65 4.15 7.56 11.49
N VAL B 66 3.35 8.27 10.70
CA VAL B 66 1.93 8.46 10.96
C VAL B 66 1.14 8.10 9.69
N PRO B 67 -0.07 7.54 9.86
CA PRO B 67 -0.64 7.22 11.17
C PRO B 67 -0.07 5.98 11.85
N ALA B 68 -0.16 5.98 13.18
CA ALA B 68 0.04 4.77 13.98
C ALA B 68 -1.14 4.65 14.92
N LEU B 69 -1.58 3.42 15.14
CA LEU B 69 -2.81 3.15 15.86
C LEU B 69 -2.57 2.12 16.94
N LYS B 70 -2.88 2.48 18.18
CA LYS B 70 -2.79 1.53 19.28
C LYS B 70 -4.19 1.03 19.57
N ILE B 71 -4.41 -0.25 19.34
CA ILE B 71 -5.74 -0.84 19.47
C ILE B 71 -5.67 -2.35 19.80
N ASP B 72 -6.50 -2.80 20.74
CA ASP B 72 -6.57 -4.18 21.18
C ASP B 72 -5.21 -4.72 21.65
N GLY B 73 -4.46 -3.84 22.32
CA GLY B 73 -3.16 -4.18 22.85
C GLY B 73 -2.01 -4.27 21.87
N ILE B 74 -2.19 -3.87 20.61
CA ILE B 74 -1.11 -3.88 19.63
C ILE B 74 -1.00 -2.55 18.90
N THR B 75 0.04 -2.47 18.06
CA THR B 75 0.36 -1.28 17.28
C THR B 75 0.35 -1.60 15.79
N ILE B 76 -0.35 -0.77 15.02
CA ILE B 76 -0.44 -0.96 13.59
C ILE B 76 -0.12 0.34 12.88
N VAL B 77 0.89 0.29 12.02
CA VAL B 77 1.20 1.39 11.11
C VAL B 77 0.74 1.01 9.71
N GLN B 78 0.72 2.00 8.81
CA GLN B 78 0.26 1.81 7.46
C GLN B 78 -1.26 1.83 7.42
N SER B 79 -1.82 2.93 6.93
CA SER B 79 -3.27 3.12 6.81
C SER B 79 -4.03 1.97 6.17
N LEU B 80 -3.48 1.33 5.16
CA LEU B 80 -4.19 0.24 4.50
C LEU B 80 -4.37 -0.94 5.49
N ALA B 81 -3.26 -1.33 6.12
CA ALA B 81 -3.26 -2.34 7.19
C ALA B 81 -4.22 -2.02 8.32
N ILE B 82 -4.19 -0.78 8.78
CA ILE B 82 -5.06 -0.33 9.86
C ILE B 82 -6.55 -0.45 9.46
N MSE B 83 -6.90 -0.04 8.25
CA MSE B 83 -8.29 -0.11 7.80
C MSE B 83 -8.73 -1.58 7.61
O MSE B 83 -9.86 -1.91 7.90
CB MSE B 83 -8.52 0.72 6.53
CG MSE B 83 -8.25 2.25 6.68
SE MSE B 83 -8.80 3.36 5.12
CE MSE B 83 -7.32 3.08 3.97
N GLU B 84 -7.86 -2.46 7.10
CA GLU B 84 -8.23 -3.87 6.97
C GLU B 84 -8.51 -4.47 8.35
N TYR B 85 -7.70 -4.08 9.32
CA TYR B 85 -7.86 -4.61 10.66
C TYR B 85 -9.21 -4.13 11.22
N LEU B 86 -9.51 -2.86 11.00
CA LEU B 86 -10.78 -2.29 11.40
C LEU B 86 -11.95 -3.00 10.74
N GLU B 87 -11.87 -3.19 9.43
CA GLU B 87 -12.86 -3.90 8.67
C GLU B 87 -13.17 -5.27 9.27
N GLU B 88 -12.13 -5.99 9.65
CA GLU B 88 -12.25 -7.36 10.15
C GLU B 88 -12.80 -7.43 11.58
N THR B 89 -12.41 -6.48 12.43
CA THR B 89 -12.75 -6.50 13.86
C THR B 89 -14.04 -5.71 14.19
N ARG B 90 -14.36 -4.77 13.31
CA ARG B 90 -15.60 -4.00 13.35
C ARG B 90 -16.17 -3.98 11.93
N PRO B 91 -16.85 -5.04 11.52
CA PRO B 91 -17.27 -5.17 10.11
C PRO B 91 -18.12 -4.05 9.54
N ILE B 92 -19.08 -3.52 10.29
CA ILE B 92 -20.03 -2.55 9.74
C ILE B 92 -19.73 -1.13 10.29
N PRO B 93 -19.92 -0.08 9.47
CA PRO B 93 -20.25 -0.19 8.04
C PRO B 93 -19.10 -0.72 7.20
N ARG B 94 -19.46 -1.43 6.13
CA ARG B 94 -18.52 -2.13 5.30
C ARG B 94 -17.63 -1.15 4.57
N LEU B 95 -16.32 -1.31 4.70
CA LEU B 95 -15.37 -0.65 3.82
C LEU B 95 -15.13 -1.50 2.57
N LEU B 96 -15.35 -2.81 2.70
CA LEU B 96 -15.27 -3.75 1.60
C LEU B 96 -16.58 -4.53 1.43
N PRO B 97 -17.10 -4.58 0.21
CA PRO B 97 -18.35 -5.30 -0.06
C PRO B 97 -18.13 -6.82 0.08
N GLN B 98 -19.15 -7.64 -0.13
CA GLN B 98 -19.01 -9.09 0.12
C GLN B 98 -18.49 -9.85 -1.08
N ASP B 99 -18.88 -9.40 -2.27
CA ASP B 99 -18.47 -10.04 -3.51
C ASP B 99 -16.97 -9.85 -3.67
N PRO B 100 -16.21 -10.95 -3.73
CA PRO B 100 -14.74 -10.88 -3.85
C PRO B 100 -14.27 -9.99 -5.00
N GLN B 101 -14.99 -10.04 -6.11
CA GLN B 101 -14.62 -9.29 -7.31
C GLN B 101 -14.86 -7.79 -7.15
N LYS B 102 -15.95 -7.43 -6.46
CA LYS B 102 -16.16 -6.05 -6.08
C LYS B 102 -15.10 -5.57 -5.07
N ARG B 103 -14.72 -6.42 -4.11
CA ARG B 103 -13.66 -6.07 -3.17
C ARG B 103 -12.33 -5.82 -3.91
N ALA B 104 -12.09 -6.51 -5.02
CA ALA B 104 -10.87 -6.27 -5.77
C ALA B 104 -10.88 -4.88 -6.39
N ILE B 105 -12.03 -4.45 -6.91
CA ILE B 105 -12.14 -3.15 -7.53
C ILE B 105 -11.99 -2.01 -6.51
N VAL B 106 -12.55 -2.19 -5.33
CA VAL B 106 -12.38 -1.23 -4.26
C VAL B 106 -10.92 -1.15 -3.83
N ARG B 107 -10.27 -2.30 -3.68
CA ARG B 107 -8.86 -2.35 -3.27
C ARG B 107 -7.95 -1.76 -4.34
N MSE B 108 -8.24 -2.03 -5.62
CA MSE B 108 -7.49 -1.46 -6.75
C MSE B 108 -7.40 0.07 -6.64
O MSE B 108 -6.33 0.67 -6.76
CB MSE B 108 -8.19 -1.73 -8.08
CG MSE B 108 -7.65 -2.81 -8.89
SE MSE B 108 -8.82 -3.24 -10.37
CE MSE B 108 -9.29 -1.52 -11.04
N ILE B 109 -8.58 0.69 -6.47
CA ILE B 109 -8.68 2.14 -6.45
C ILE B 109 -7.93 2.69 -5.25
N SER B 110 -8.16 2.08 -4.09
CA SER B 110 -7.49 2.43 -2.84
C SER B 110 -5.99 2.34 -2.99
N ASP B 111 -5.51 1.24 -3.55
CA ASP B 111 -4.07 0.99 -3.68
C ASP B 111 -3.46 1.92 -4.73
N LEU B 112 -4.22 2.21 -5.77
CA LEU B 112 -3.77 3.16 -6.78
C LEU B 112 -3.48 4.50 -6.07
N ILE B 113 -4.39 4.91 -5.19
CA ILE B 113 -4.21 6.15 -4.47
C ILE B 113 -3.07 6.01 -3.44
N ALA B 114 -3.17 5.02 -2.55
CA ALA B 114 -2.26 4.86 -1.43
C ALA B 114 -0.86 4.42 -1.81
N SER B 115 -0.72 3.64 -2.88
CA SER B 115 0.60 3.13 -3.31
C SER B 115 1.15 3.86 -4.54
N GLY B 116 0.26 4.45 -5.32
CA GLY B 116 0.61 5.00 -6.61
C GLY B 116 0.70 6.52 -6.62
N ILE B 117 -0.33 7.20 -6.14
CA ILE B 117 -0.39 8.67 -6.23
C ILE B 117 0.24 9.35 -5.03
N GLN B 118 -0.11 8.88 -3.84
CA GLN B 118 0.30 9.58 -2.63
C GLN B 118 1.80 9.47 -2.28
N PRO B 119 2.39 8.29 -2.30
CA PRO B 119 3.82 8.14 -2.04
C PRO B 119 4.71 8.99 -2.96
N LEU B 120 4.28 9.18 -4.20
CA LEU B 120 5.07 9.94 -5.17
C LEU B 120 5.03 11.47 -4.94
N GLN B 121 4.55 11.90 -3.78
CA GLN B 121 4.58 13.32 -3.45
C GLN B 121 4.54 13.64 -1.94
N ASN B 122 5.16 12.81 -1.09
CA ASN B 122 5.57 13.32 0.24
C ASN B 122 6.93 14.01 0.09
N GLU B 132 9.58 25.80 -5.59
CA GLU B 132 10.25 25.78 -6.89
C GLU B 132 9.35 25.07 -7.95
N ASN B 133 9.72 23.84 -8.32
CA ASN B 133 8.93 23.02 -9.26
C ASN B 133 8.72 21.60 -8.72
N GLN B 134 8.78 21.48 -7.39
CA GLN B 134 8.17 20.36 -6.70
C GLN B 134 6.66 20.44 -6.90
N MSE B 135 6.19 21.64 -7.25
CA MSE B 135 4.81 21.83 -7.71
C MSE B 135 4.55 21.22 -9.09
O MSE B 135 3.50 20.62 -9.31
CB MSE B 135 4.50 23.31 -7.77
CG MSE B 135 3.12 23.61 -8.33
SE MSE B 135 2.16 24.81 -7.16
CE MSE B 135 3.46 26.37 -7.25
N GLN B 136 5.49 21.39 -10.02
CA GLN B 136 5.37 20.77 -11.35
C GLN B 136 5.32 19.25 -11.21
N TRP B 137 6.05 18.71 -10.23
CA TRP B 137 6.10 17.27 -10.01
C TRP B 137 4.84 16.74 -9.32
N ALA B 138 4.42 17.38 -8.23
CA ALA B 138 3.17 17.00 -7.55
C ALA B 138 2.02 16.97 -8.55
N GLN B 139 1.93 18.01 -9.37
CA GLN B 139 0.85 18.15 -10.32
C GLN B 139 0.87 17.05 -11.37
N LYS B 140 2.06 16.71 -11.87
CA LYS B 140 2.18 15.66 -12.89
C LYS B 140 1.70 14.32 -12.32
N VAL B 141 2.16 14.02 -11.12
CA VAL B 141 1.78 12.80 -10.41
C VAL B 141 0.26 12.75 -10.17
N ILE B 142 -0.31 13.81 -9.61
CA ILE B 142 -1.74 13.83 -9.27
C ILE B 142 -2.64 13.75 -10.52
N THR B 143 -2.27 14.47 -11.59
CA THR B 143 -3.05 14.45 -12.82
C THR B 143 -3.01 13.08 -13.46
N SER B 144 -1.81 12.50 -13.55
CA SER B 144 -1.63 11.17 -14.15
C SER B 144 -2.48 10.09 -13.46
N GLY B 145 -2.47 10.10 -12.14
CA GLY B 145 -3.31 9.20 -11.37
C GLY B 145 -4.81 9.44 -11.56
N PHE B 146 -5.21 10.71 -11.55
CA PHE B 146 -6.64 11.04 -11.69
C PHE B 146 -7.11 10.75 -13.12
N ASN B 147 -6.18 10.80 -14.08
CA ASN B 147 -6.51 10.41 -15.46
C ASN B 147 -6.89 8.95 -15.47
N ALA B 148 -6.11 8.16 -14.75
CA ALA B 148 -6.37 6.74 -14.62
C ALA B 148 -7.61 6.45 -13.78
N LEU B 149 -7.77 7.17 -12.68
CA LEU B 149 -8.81 6.88 -11.71
C LEU B 149 -10.18 7.34 -12.21
N GLU B 150 -10.24 8.50 -12.88
CA GLU B 150 -11.47 8.99 -13.50
C GLU B 150 -11.99 8.01 -14.52
N LYS B 151 -11.09 7.40 -15.28
CA LYS B 151 -11.49 6.45 -16.32
C LYS B 151 -12.07 5.19 -15.68
N ILE B 152 -11.43 4.72 -14.63
CA ILE B 152 -11.92 3.54 -13.90
C ILE B 152 -13.31 3.82 -13.29
N LEU B 153 -13.48 5.00 -12.72
CA LEU B 153 -14.76 5.35 -12.08
C LEU B 153 -15.93 5.51 -13.07
N GLN B 154 -15.62 5.75 -14.34
CA GLN B 154 -16.64 5.71 -15.40
C GLN B 154 -17.35 4.36 -15.43
N SER B 155 -16.63 3.31 -15.08
CA SER B 155 -17.17 1.95 -15.04
C SER B 155 -17.78 1.56 -13.69
N THR B 156 -17.12 1.95 -12.59
CA THR B 156 -17.45 1.40 -11.26
C THR B 156 -18.40 2.24 -10.46
N ALA B 157 -18.40 3.54 -10.68
CA ALA B 157 -19.05 4.46 -9.77
C ALA B 157 -20.56 4.54 -9.96
N GLY B 158 -21.27 4.51 -8.84
CA GLY B 158 -22.64 4.96 -8.81
C GLY B 158 -22.61 6.32 -8.15
N LYS B 159 -23.14 6.38 -6.93
CA LYS B 159 -23.10 7.56 -6.07
C LYS B 159 -21.74 7.71 -5.39
N TYR B 160 -21.02 6.59 -5.28
CA TYR B 160 -19.67 6.58 -4.71
C TYR B 160 -18.70 5.84 -5.66
N CYS B 161 -17.44 5.64 -5.25
CA CYS B 161 -16.41 5.10 -6.15
C CYS B 161 -16.85 3.79 -6.79
N VAL B 162 -17.43 2.89 -6.00
CA VAL B 162 -17.93 1.60 -6.47
C VAL B 162 -19.36 1.40 -6.00
N GLY B 163 -20.31 1.69 -6.88
CA GLY B 163 -21.71 1.49 -6.59
C GLY B 163 -22.20 2.52 -5.60
N ASP B 164 -23.28 2.20 -4.91
CA ASP B 164 -24.00 3.19 -4.11
C ASP B 164 -23.66 3.14 -2.60
N GLU B 165 -22.65 2.34 -2.26
CA GLU B 165 -22.23 2.17 -0.87
C GLU B 165 -20.84 2.76 -0.69
N VAL B 166 -20.65 3.58 0.34
CA VAL B 166 -19.34 4.06 0.73
C VAL B 166 -18.36 2.88 0.93
N SER B 167 -17.12 3.05 0.53
CA SER B 167 -16.10 1.99 0.64
C SER B 167 -14.71 2.53 0.97
N MSE B 168 -13.72 1.64 1.06
CA MSE B 168 -12.33 2.03 1.30
C MSE B 168 -11.82 3.00 0.24
O MSE B 168 -10.97 3.84 0.52
CB MSE B 168 -11.42 0.78 1.37
CG MSE B 168 -10.04 1.03 1.97
SE MSE B 168 -8.84 -0.55 1.91
CE MSE B 168 -9.31 -1.31 3.62
N ALA B 169 -12.33 2.88 -0.99
CA ALA B 169 -11.91 3.72 -2.10
C ALA B 169 -12.27 5.16 -1.82
N ASP B 170 -13.46 5.37 -1.31
CA ASP B 170 -13.93 6.69 -0.95
C ASP B 170 -13.09 7.28 0.18
N VAL B 171 -12.70 6.45 1.13
CA VAL B 171 -11.91 6.90 2.27
C VAL B 171 -10.59 7.43 1.77
N CYS B 172 -10.02 6.76 0.76
CA CYS B 172 -8.75 7.17 0.15
C CYS B 172 -8.89 8.35 -0.81
N LEU B 173 -10.07 8.51 -1.39
CA LEU B 173 -10.26 9.50 -2.43
C LEU B 173 -10.30 10.91 -1.84
N VAL B 174 -11.07 11.08 -0.79
CA VAL B 174 -11.27 12.41 -0.27
C VAL B 174 -9.95 13.06 0.11
N PRO B 175 -9.13 12.45 0.96
CA PRO B 175 -7.86 13.08 1.32
C PRO B 175 -6.91 13.28 0.11
N GLN B 176 -7.01 12.46 -0.93
CA GLN B 176 -6.20 12.72 -2.14
C GLN B 176 -6.73 13.92 -2.94
N VAL B 177 -8.05 14.06 -3.01
CA VAL B 177 -8.66 15.19 -3.70
C VAL B 177 -8.34 16.50 -2.97
N ALA B 178 -8.25 16.45 -1.64
CA ALA B 178 -7.86 17.60 -0.85
C ALA B 178 -6.41 18.01 -1.13
N ASN B 179 -5.51 17.04 -1.33
CA ASN B 179 -4.14 17.32 -1.77
C ASN B 179 -4.14 18.04 -3.12
N ALA B 180 -4.92 17.50 -4.05
CA ALA B 180 -5.05 18.09 -5.38
C ALA B 180 -5.46 19.56 -5.37
N GLU B 181 -6.42 19.92 -4.53
CA GLU B 181 -6.80 21.32 -4.36
C GLU B 181 -5.68 22.15 -3.70
N ARG B 182 -4.92 21.54 -2.80
CA ARG B 182 -3.80 22.20 -2.13
C ARG B 182 -2.68 22.53 -3.12
N PHE B 183 -2.45 21.62 -4.07
CA PHE B 183 -1.44 21.84 -5.11
C PHE B 183 -2.05 22.50 -6.35
N LYS B 184 -3.26 23.03 -6.19
CA LYS B 184 -3.91 23.86 -7.19
C LYS B 184 -4.27 23.09 -8.45
N VAL B 185 -4.54 21.80 -8.30
CA VAL B 185 -4.97 20.99 -9.43
C VAL B 185 -6.44 21.25 -9.75
N ASP B 186 -6.69 21.50 -11.02
CA ASP B 186 -8.00 21.84 -11.50
C ASP B 186 -8.78 20.54 -11.63
N LEU B 187 -9.98 20.51 -11.03
CA LEU B 187 -10.77 19.27 -11.00
C LEU B 187 -11.80 19.20 -12.13
N SER B 188 -11.82 20.24 -12.98
CA SER B 188 -12.71 20.30 -14.13
C SER B 188 -12.62 19.09 -15.09
N PRO B 189 -11.42 18.52 -15.30
CA PRO B 189 -11.31 17.35 -16.17
C PRO B 189 -11.73 16.06 -15.49
N TYR B 190 -12.08 16.13 -14.21
CA TYR B 190 -12.41 14.96 -13.38
C TYR B 190 -13.78 15.08 -12.70
N PRO B 191 -14.86 15.08 -13.50
CA PRO B 191 -16.20 15.38 -12.94
C PRO B 191 -16.77 14.26 -12.05
N THR B 192 -16.43 13.02 -12.37
CA THR B 192 -16.83 11.89 -11.53
C THR B 192 -16.12 11.91 -10.19
N ILE B 193 -14.81 12.20 -10.21
CA ILE B 193 -14.06 12.29 -8.97
C ILE B 193 -14.65 13.42 -8.14
N SER B 194 -14.90 14.54 -8.81
CA SER B 194 -15.39 15.74 -8.13
C SER B 194 -16.81 15.59 -7.57
N HIS B 195 -17.64 14.77 -8.22
CA HIS B 195 -19.01 14.52 -7.75
C HIS B 195 -18.97 13.62 -6.51
N ILE B 196 -18.28 12.49 -6.63
CA ILE B 196 -18.14 11.56 -5.53
C ILE B 196 -17.50 12.28 -4.33
N ASN B 197 -16.49 13.10 -4.60
CA ASN B 197 -15.82 13.85 -3.55
C ASN B 197 -16.79 14.69 -2.73
N LYS B 198 -17.66 15.42 -3.42
CA LYS B 198 -18.65 16.28 -2.75
C LYS B 198 -19.79 15.50 -2.10
N GLU B 199 -20.08 14.30 -2.62
CA GLU B 199 -21.05 13.41 -1.97
C GLU B 199 -20.53 13.03 -0.60
N LEU B 200 -19.24 12.70 -0.55
CA LEU B 200 -18.58 12.21 0.65
C LEU B 200 -18.40 13.31 1.67
N LEU B 201 -17.97 14.48 1.21
CA LEU B 201 -17.74 15.61 2.11
C LEU B 201 -19.01 16.12 2.79
N ALA B 202 -20.18 15.70 2.29
CA ALA B 202 -21.45 16.01 2.93
C ALA B 202 -21.76 15.11 4.14
N LEU B 203 -21.03 14.00 4.27
CA LEU B 203 -21.26 13.05 5.34
C LEU B 203 -20.49 13.47 6.59
N GLU B 204 -21.14 13.31 7.73
CA GLU B 204 -20.54 13.59 9.03
C GLU B 204 -19.15 12.93 9.24
N VAL B 205 -19.02 11.66 8.87
CA VAL B 205 -17.77 10.92 9.12
C VAL B 205 -16.52 11.53 8.42
N PHE B 206 -16.72 12.24 7.30
CA PHE B 206 -15.66 12.97 6.59
C PHE B 206 -15.45 14.40 7.09
N GLN B 207 -16.43 14.94 7.82
CA GLN B 207 -16.36 16.30 8.40
C GLN B 207 -15.68 16.33 9.75
N VAL B 208 -16.06 15.41 10.63
CA VAL B 208 -15.53 15.37 11.99
C VAL B 208 -14.07 14.96 11.97
N SER B 209 -13.67 14.30 10.90
CA SER B 209 -12.31 13.80 10.76
C SER B 209 -11.43 14.76 9.97
N HIS B 210 -11.96 15.93 9.63
CA HIS B 210 -11.32 16.81 8.67
C HIS B 210 -10.01 17.37 9.25
N PRO B 211 -9.00 17.51 8.42
CA PRO B 211 -7.75 18.22 8.76
C PRO B 211 -7.91 19.55 9.46
N ARG B 212 -9.03 20.26 9.21
CA ARG B 212 -9.28 21.58 9.80
C ARG B 212 -9.92 21.52 11.18
N ARG B 213 -10.38 20.34 11.59
CA ARG B 213 -11.07 20.20 12.87
C ARG B 213 -10.26 19.36 13.83
N GLN B 214 -8.94 19.48 13.77
CA GLN B 214 -8.02 18.61 14.55
C GLN B 214 -7.36 19.40 15.67
N PRO B 215 -6.92 18.70 16.72
CA PRO B 215 -6.22 19.36 17.82
C PRO B 215 -4.96 20.11 17.42
N ASP B 216 -4.25 19.59 16.42
CA ASP B 216 -2.98 20.20 15.97
C ASP B 216 -3.14 21.09 14.72
N THR B 217 -4.36 21.34 14.29
CA THR B 217 -4.55 22.33 13.23
C THR B 217 -4.09 23.66 13.81
N PRO B 218 -3.23 24.38 13.09
CA PRO B 218 -2.88 25.74 13.49
C PRO B 218 -4.01 26.65 13.08
N ALA B 219 -4.32 27.67 13.87
CA ALA B 219 -5.54 28.46 13.66
C ALA B 219 -5.57 29.16 12.30
N GLU B 220 -4.41 29.27 11.66
CA GLU B 220 -4.33 29.92 10.36
C GLU B 220 -4.92 29.07 9.21
N LEU B 221 -5.36 27.84 9.51
CA LEU B 221 -6.19 27.02 8.60
C LEU B 221 -7.58 26.81 9.21
N ARG B 222 -8.44 27.83 9.07
CA ARG B 222 -9.81 27.81 9.63
C ARG B 222 -10.60 29.03 9.15
#